data_2X20
#
_entry.id   2X20
#
_cell.length_a   68.570
_cell.length_b   82.000
_cell.length_c   75.410
_cell.angle_alpha   90.00
_cell.angle_beta   90.00
_cell.angle_gamma   90.00
#
_symmetry.space_group_name_H-M   'C 2 2 21'
#
loop_
_entity.id
_entity.type
_entity.pdbx_description
1 polymer 'PERIDININ-CHLOROPHYLL A-BINDING PROTEIN, CHLOROPLASTIC'
2 non-polymer 'CHLOROPHYLL B'
3 non-polymer PERIDININ
4 non-polymer 'DIGALACTOSYL DIACYL GLYCEROL (DGDG)'
5 non-polymer 'CADMIUM ION'
6 non-polymer 'CHLORIDE ION'
7 non-polymer 'POTASSIUM ION'
8 non-polymer 'SODIUM ION'
9 non-polymer DI(HYDROXYETHYL)ETHER
10 water water
#
_entity_poly.entity_id   1
_entity_poly.type   'polypeptide(L)'
_entity_poly.pdbx_seq_one_letter_code
;ADEIGDAAKKLGDASYAFAKEVDWNNGIFLQAPGKLQPLEALKAIDKMIVMGAAADPKLLKAAAEAHHKAIGSVSGPNGV
TSRADWDSVNAALGRVIASVPENMVMDVYDSVSKITDPKVPAYMKSLVNGADAEKAYEGFLAFKDVVKKSQ
;
_entity_poly.pdbx_strand_id   M
#
# COMPACT_ATOMS: atom_id res chain seq x y z
N ALA A 1 20.64 0.72 -6.46
CA ALA A 1 19.89 -0.56 -6.16
C ALA A 1 20.05 -0.84 -4.69
N ASP A 2 19.07 -1.52 -4.11
CA ASP A 2 19.11 -1.90 -2.69
C ASP A 2 18.27 -3.12 -2.48
N GLU A 3 18.29 -3.57 -1.23
CA GLU A 3 17.58 -4.81 -0.88
C GLU A 3 16.04 -4.64 -0.98
N ILE A 4 15.51 -3.48 -0.59
CA ILE A 4 14.07 -3.20 -0.79
C ILE A 4 13.65 -3.32 -2.30
N GLY A 5 14.51 -2.84 -3.21
CA GLY A 5 14.25 -2.95 -4.65
C GLY A 5 14.21 -4.41 -5.07
N ASP A 6 15.17 -5.20 -4.60
CA ASP A 6 15.18 -6.65 -4.91
C ASP A 6 13.92 -7.30 -4.36
N ALA A 7 13.53 -6.90 -3.12
CA ALA A 7 12.36 -7.47 -2.48
C ALA A 7 11.06 -7.09 -3.19
N ALA A 8 11.01 -5.86 -3.73
CA ALA A 8 9.83 -5.43 -4.52
C ALA A 8 9.61 -6.26 -5.78
N LYS A 9 10.68 -6.70 -6.41
CA LYS A 9 10.57 -7.56 -7.58
C LYS A 9 9.93 -8.90 -7.18
N LYS A 10 10.39 -9.52 -6.10
CA LYS A 10 9.73 -10.75 -5.64
C LYS A 10 8.27 -10.52 -5.23
N LEU A 11 8.01 -9.38 -4.62
CA LEU A 11 6.64 -9.03 -4.22
C LEU A 11 5.72 -8.93 -5.46
N GLY A 12 6.27 -8.37 -6.55
CA GLY A 12 5.52 -8.22 -7.82
C GLY A 12 5.16 -9.57 -8.42
N ASP A 13 6.11 -10.51 -8.40
CA ASP A 13 5.82 -11.89 -8.80
C ASP A 13 4.65 -12.47 -8.03
N ALA A 14 4.60 -12.20 -6.74
CA ALA A 14 3.56 -12.75 -5.83
C ALA A 14 2.19 -11.99 -5.93
N SER A 15 2.24 -10.71 -6.33
CA SER A 15 1.10 -9.79 -6.18
C SER A 15 0.54 -9.16 -7.45
N TYR A 16 1.27 -9.20 -8.58
CA TYR A 16 0.75 -8.46 -9.74
C TYR A 16 -0.50 -9.05 -10.34
N ALA A 17 -0.70 -10.38 -10.18
CA ALA A 17 -1.93 -11.00 -10.73
C ALA A 17 -3.14 -10.46 -9.95
N PHE A 18 -2.98 -10.35 -8.63
CA PHE A 18 -4.01 -9.66 -7.79
C PHE A 18 -4.27 -8.22 -8.23
N ALA A 19 -3.18 -7.45 -8.49
CA ALA A 19 -3.31 -6.02 -8.87
C ALA A 19 -4.17 -5.90 -10.12
N LYS A 20 -3.91 -6.79 -11.09
CA LYS A 20 -4.66 -6.78 -12.34
C LYS A 20 -6.12 -7.10 -12.16
N GLU A 21 -6.47 -7.81 -11.09
CA GLU A 21 -7.91 -8.19 -10.89
C GLU A 21 -8.73 -7.13 -10.17
N VAL A 22 -8.08 -6.24 -9.40
CA VAL A 22 -8.83 -5.15 -8.73
C VAL A 22 -9.34 -4.20 -9.79
N ASP A 23 -10.60 -3.79 -9.63
CA ASP A 23 -11.15 -2.75 -10.46
C ASP A 23 -10.84 -1.39 -9.83
N TRP A 24 -9.71 -0.78 -10.21
CA TRP A 24 -9.28 0.46 -9.56
C TRP A 24 -10.21 1.63 -9.89
N ASN A 25 -11.04 1.47 -10.93
CA ASN A 25 -12.06 2.49 -11.23
C ASN A 25 -13.40 2.36 -10.50
N ASN A 26 -13.49 1.41 -9.58
CA ASN A 26 -14.72 1.25 -8.81
C ASN A 26 -14.84 2.48 -7.88
N GLY A 27 -16.04 3.13 -7.83
CA GLY A 27 -16.27 4.27 -6.94
C GLY A 27 -16.26 3.93 -5.44
N ILE A 28 -16.36 2.64 -5.11
CA ILE A 28 -16.42 2.21 -3.70
C ILE A 28 -15.28 2.77 -2.80
N PHE A 29 -14.09 2.96 -3.37
CA PHE A 29 -12.90 3.39 -2.63
C PHE A 29 -13.00 4.80 -2.06
N LEU A 30 -13.98 5.58 -2.54
CA LEU A 30 -14.24 6.90 -1.99
C LEU A 30 -15.16 6.85 -0.75
N GLN A 31 -15.82 5.72 -0.54
CA GLN A 31 -16.63 5.49 0.67
C GLN A 31 -15.78 5.20 1.92
N ALA A 32 -16.33 5.55 3.08
CA ALA A 32 -15.69 5.15 4.34
C ALA A 32 -15.76 3.63 4.40
N PRO A 33 -14.74 2.97 4.94
CA PRO A 33 -14.79 1.51 4.94
C PRO A 33 -15.66 0.99 6.09
N GLY A 34 -16.98 1.21 5.99
CA GLY A 34 -17.93 0.99 7.11
C GLY A 34 -18.65 2.31 7.46
N LYS A 35 -19.03 2.52 8.73
CA LYS A 35 -19.72 3.74 9.15
C LYS A 35 -18.71 4.89 9.15
N LEU A 36 -19.10 6.04 8.59
CA LEU A 36 -18.28 7.27 8.63
C LEU A 36 -18.20 7.74 10.09
N GLN A 37 -16.99 7.92 10.60
CA GLN A 37 -16.81 8.29 12.01
C GLN A 37 -15.77 9.38 12.03
N PRO A 38 -16.18 10.64 11.83
CA PRO A 38 -15.16 11.68 11.54
C PRO A 38 -14.15 11.88 12.69
N LEU A 39 -14.58 11.76 13.95
CA LEU A 39 -13.61 11.98 15.01
C LEU A 39 -12.51 10.93 15.08
N GLU A 40 -12.91 9.66 14.90
CA GLU A 40 -11.93 8.55 14.85
C GLU A 40 -11.08 8.61 13.60
N ALA A 41 -11.69 8.97 12.46
CA ALA A 41 -10.94 9.05 11.24
C ALA A 41 -9.87 10.14 11.36
N LEU A 42 -10.22 11.23 12.01
CA LEU A 42 -9.28 12.33 12.14
C LEU A 42 -8.04 11.85 12.94
N LYS A 43 -8.24 10.95 13.90
CA LYS A 43 -7.12 10.48 14.72
C LYS A 43 -6.14 9.65 13.85
N ALA A 44 -6.73 8.85 12.97
CA ALA A 44 -5.99 8.01 12.02
C ALA A 44 -5.26 8.95 11.03
N ILE A 45 -5.97 9.95 10.50
CA ILE A 45 -5.32 10.87 9.60
C ILE A 45 -4.19 11.59 10.37
N ASP A 46 -4.40 11.92 11.64
CA ASP A 46 -3.32 12.59 12.41
C ASP A 46 -2.06 11.66 12.48
N LYS A 47 -2.27 10.36 12.75
CA LYS A 47 -1.11 9.39 12.80
C LYS A 47 -0.38 9.40 11.45
N MET A 48 -1.14 9.48 10.37
CA MET A 48 -0.48 9.57 9.06
C MET A 48 0.30 10.84 8.83
N ILE A 49 -0.28 11.98 9.21
CA ILE A 49 0.45 13.27 9.10
C ILE A 49 1.76 13.27 9.92
N VAL A 50 1.70 12.74 11.14
CA VAL A 50 2.88 12.58 11.97
C VAL A 50 3.94 11.73 11.25
N MET A 51 3.49 10.62 10.69
CA MET A 51 4.40 9.75 9.97
C MET A 51 5.00 10.43 8.71
N GLY A 52 4.15 11.16 7.95
CA GLY A 52 4.66 11.88 6.79
C GLY A 52 5.68 12.95 7.13
N ALA A 53 5.49 13.63 8.27
CA ALA A 53 6.47 14.61 8.69
C ALA A 53 7.76 13.94 9.17
N ALA A 54 7.65 12.72 9.69
CA ALA A 54 8.85 12.01 10.12
C ALA A 54 9.66 11.35 8.98
N ALA A 55 9.03 11.12 7.83
CA ALA A 55 9.60 10.35 6.73
C ALA A 55 10.72 11.12 6.07
N ASP A 56 11.66 10.41 5.45
CA ASP A 56 12.75 11.11 4.80
C ASP A 56 12.19 11.88 3.59
N PRO A 57 12.48 13.19 3.50
CA PRO A 57 11.81 14.01 2.46
C PRO A 57 12.18 13.61 1.01
N LYS A 58 13.43 13.20 0.81
CA LYS A 58 13.85 12.66 -0.54
C LYS A 58 13.14 11.37 -0.95
N LEU A 59 12.89 10.52 0.03
CA LEU A 59 12.16 9.27 -0.26
C LEU A 59 10.66 9.54 -0.50
N LEU A 60 10.06 10.55 0.18
CA LEU A 60 8.64 10.86 -0.12
C LEU A 60 8.57 11.44 -1.52
N LYS A 61 9.56 12.27 -1.86
CA LYS A 61 9.64 12.80 -3.21
C LYS A 61 9.75 11.72 -4.23
N ALA A 62 10.62 10.75 -3.98
CA ALA A 62 10.77 9.69 -4.98
C ALA A 62 9.48 8.83 -5.10
N ALA A 63 8.78 8.65 -3.99
CA ALA A 63 7.56 7.82 -3.97
C ALA A 63 6.46 8.56 -4.75
N ALA A 64 6.41 9.89 -4.68
CA ALA A 64 5.42 10.64 -5.50
C ALA A 64 5.72 10.54 -6.98
N GLU A 65 6.99 10.71 -7.32
N GLU A 65 7.00 10.71 -7.35
CA GLU A 65 7.46 10.57 -8.70
CA GLU A 65 7.39 10.59 -8.77
C GLU A 65 7.09 9.19 -9.27
C GLU A 65 7.17 9.16 -9.34
N ALA A 66 7.35 8.14 -8.50
CA ALA A 66 6.98 6.80 -8.92
C ALA A 66 5.48 6.63 -9.20
N HIS A 67 4.61 7.26 -8.39
CA HIS A 67 3.21 7.24 -8.67
C HIS A 67 2.87 8.03 -9.94
N HIS A 68 3.50 9.19 -10.14
CA HIS A 68 3.20 9.92 -11.42
C HIS A 68 3.57 9.04 -12.65
N LYS A 69 4.73 8.39 -12.61
CA LYS A 69 5.10 7.49 -13.70
C LYS A 69 4.08 6.30 -13.84
N ALA A 70 3.62 5.75 -12.70
CA ALA A 70 2.68 4.63 -12.74
C ALA A 70 1.38 5.03 -13.40
N ILE A 71 0.95 6.26 -13.14
CA ILE A 71 -0.34 6.72 -13.72
C ILE A 71 -0.25 6.74 -15.29
N GLY A 72 0.93 7.10 -15.77
CA GLY A 72 1.19 7.14 -17.22
C GLY A 72 1.11 5.79 -17.91
N SER A 73 1.29 4.70 -17.16
CA SER A 73 1.28 3.39 -17.83
C SER A 73 0.02 2.56 -17.56
N VAL A 74 -1.04 3.18 -17.01
CA VAL A 74 -2.31 2.55 -16.79
C VAL A 74 -2.91 2.05 -18.12
N SER A 75 -3.40 0.82 -18.14
CA SER A 75 -4.10 0.32 -19.30
C SER A 75 -5.07 -0.79 -18.96
N GLY A 76 -5.87 -1.17 -19.96
CA GLY A 76 -6.89 -2.22 -19.75
C GLY A 76 -8.13 -1.68 -19.05
N PRO A 77 -9.17 -2.52 -18.88
CA PRO A 77 -10.43 -2.01 -18.32
C PRO A 77 -10.46 -1.81 -16.80
N ASN A 78 -9.45 -2.27 -16.09
CA ASN A 78 -9.43 -2.10 -14.60
C ASN A 78 -8.55 -0.98 -14.12
N GLY A 79 -7.91 -0.28 -15.07
CA GLY A 79 -7.00 0.80 -14.67
C GLY A 79 -5.74 0.39 -13.94
N VAL A 80 -5.20 -0.78 -14.27
CA VAL A 80 -3.94 -1.26 -13.64
C VAL A 80 -2.65 -0.76 -14.35
N THR A 81 -1.71 -0.28 -13.56
CA THR A 81 -0.41 0.20 -14.05
C THR A 81 0.41 -1.00 -14.54
N SER A 82 1.57 -0.73 -15.16
CA SER A 82 2.46 -1.77 -15.69
C SER A 82 3.07 -2.52 -14.52
N ARG A 83 3.51 -3.74 -14.81
CA ARG A 83 4.23 -4.55 -13.81
C ARG A 83 5.45 -3.82 -13.28
N ALA A 84 6.17 -3.16 -14.19
CA ALA A 84 7.39 -2.46 -13.79
C ALA A 84 7.05 -1.31 -12.84
N ASP A 85 5.96 -0.61 -13.14
CA ASP A 85 5.58 0.53 -12.27
C ASP A 85 4.99 0.07 -10.95
N TRP A 86 4.30 -1.06 -10.97
CA TRP A 86 3.81 -1.66 -9.72
C TRP A 86 5.01 -1.93 -8.78
N ASP A 87 6.05 -2.59 -9.28
CA ASP A 87 7.25 -2.83 -8.47
C ASP A 87 7.95 -1.53 -8.01
N SER A 88 8.05 -0.56 -8.91
N SER A 88 8.07 -0.54 -8.91
CA SER A 88 8.71 0.71 -8.59
CA SER A 88 8.74 0.72 -8.57
C SER A 88 7.98 1.39 -7.41
C SER A 88 7.98 1.47 -7.46
N VAL A 89 6.67 1.40 -7.51
CA VAL A 89 5.85 2.03 -6.45
C VAL A 89 6.05 1.31 -5.12
N ASN A 90 5.94 -0.03 -5.15
CA ASN A 90 6.13 -0.78 -3.90
C ASN A 90 7.48 -0.60 -3.27
N ALA A 91 8.55 -0.53 -4.08
CA ALA A 91 9.90 -0.32 -3.52
C ALA A 91 10.02 1.07 -2.93
N ALA A 92 9.44 2.07 -3.60
CA ALA A 92 9.59 3.45 -3.14
C ALA A 92 8.79 3.60 -1.80
N LEU A 93 7.63 2.92 -1.73
CA LEU A 93 6.83 2.95 -0.48
C LEU A 93 7.53 2.18 0.64
N GLY A 94 8.07 1.03 0.31
CA GLY A 94 8.93 0.31 1.27
C GLY A 94 10.04 1.18 1.86
N ARG A 95 10.70 1.99 1.02
CA ARG A 95 11.77 2.87 1.53
C ARG A 95 11.24 3.94 2.47
N VAL A 96 10.07 4.52 2.15
CA VAL A 96 9.43 5.48 3.03
C VAL A 96 9.09 4.82 4.39
N ILE A 97 8.49 3.63 4.37
CA ILE A 97 8.10 2.92 5.63
C ILE A 97 9.38 2.68 6.45
N ALA A 98 10.45 2.26 5.78
CA ALA A 98 11.69 1.99 6.51
C ALA A 98 12.36 3.27 7.08
N SER A 99 11.98 4.47 6.60
CA SER A 99 12.60 5.73 7.06
C SER A 99 11.98 6.28 8.37
N VAL A 100 10.94 5.64 8.91
CA VAL A 100 10.31 6.14 10.16
C VAL A 100 10.29 5.05 11.24
N PRO A 101 10.16 5.43 12.50
CA PRO A 101 10.12 4.41 13.54
C PRO A 101 8.95 3.48 13.38
N GLU A 102 9.21 2.22 13.68
CA GLU A 102 8.18 1.15 13.59
C GLU A 102 6.86 1.58 14.36
N ASN A 103 7.00 2.28 15.50
CA ASN A 103 5.80 2.58 16.24
C ASN A 103 4.87 3.51 15.45
N MET A 104 5.47 4.44 14.67
CA MET A 104 4.67 5.31 13.84
C MET A 104 3.87 4.56 12.80
N VAL A 105 4.46 3.50 12.23
CA VAL A 105 3.75 2.70 11.20
C VAL A 105 2.57 1.92 11.86
N MET A 106 2.83 1.32 13.01
N MET A 106 2.85 1.32 13.03
CA MET A 106 1.82 0.54 13.75
CA MET A 106 1.86 0.53 13.84
C MET A 106 0.68 1.43 14.23
C MET A 106 0.69 1.42 14.23
N ASP A 107 1.00 2.66 14.67
CA ASP A 107 -0.04 3.64 15.06
C ASP A 107 -1.02 3.94 13.91
N VAL A 108 -0.52 4.08 12.66
CA VAL A 108 -1.42 4.20 11.54
C VAL A 108 -2.28 2.97 11.33
N TYR A 109 -1.66 1.81 11.36
CA TYR A 109 -2.37 0.55 11.13
C TYR A 109 -3.47 0.34 12.18
N ASP A 110 -3.11 0.53 13.43
CA ASP A 110 -4.13 0.48 14.53
C ASP A 110 -5.27 1.51 14.42
N SER A 111 -4.92 2.76 14.11
N SER A 111 -4.94 2.77 14.13
CA SER A 111 -5.93 3.83 14.03
CA SER A 111 -5.98 3.80 14.05
C SER A 111 -6.87 3.67 12.83
C SER A 111 -6.91 3.57 12.86
N VAL A 112 -6.37 3.08 11.75
CA VAL A 112 -7.25 2.82 10.56
C VAL A 112 -8.15 1.61 10.82
N SER A 113 -7.55 0.59 11.45
CA SER A 113 -8.28 -0.62 11.76
C SER A 113 -9.51 -0.23 12.60
N LYS A 114 -9.32 0.69 13.50
CA LYS A 114 -10.44 1.10 14.36
C LYS A 114 -11.67 1.61 13.58
N ILE A 115 -11.45 2.22 12.39
CA ILE A 115 -12.61 2.73 11.66
C ILE A 115 -13.02 1.79 10.51
N THR A 116 -12.39 0.63 10.45
CA THR A 116 -12.60 -0.26 9.29
C THR A 116 -13.55 -1.42 9.68
N ASP A 117 -14.68 -1.51 9.01
CA ASP A 117 -15.69 -2.53 9.41
C ASP A 117 -15.07 -3.95 9.21
N PRO A 118 -15.33 -4.89 10.15
CA PRO A 118 -14.82 -6.28 9.99
C PRO A 118 -15.16 -6.98 8.65
N LYS A 119 -16.25 -6.58 7.97
CA LYS A 119 -16.64 -7.19 6.69
C LYS A 119 -15.79 -6.73 5.50
N VAL A 120 -15.09 -5.59 5.65
CA VAL A 120 -14.46 -4.97 4.48
C VAL A 120 -13.38 -5.80 3.77
N PRO A 121 -12.46 -6.44 4.52
CA PRO A 121 -11.48 -7.29 3.84
C PRO A 121 -12.14 -8.40 3.04
N ALA A 122 -13.10 -9.07 3.64
CA ALA A 122 -13.73 -10.19 2.90
C ALA A 122 -14.54 -9.73 1.67
N TYR A 123 -15.13 -8.57 1.77
CA TYR A 123 -15.87 -8.07 0.64
C TYR A 123 -14.87 -7.69 -0.49
N MET A 124 -13.81 -6.96 -0.16
CA MET A 124 -12.76 -6.67 -1.16
C MET A 124 -12.25 -7.94 -1.81
N LYS A 125 -11.91 -8.96 -1.01
CA LYS A 125 -11.36 -10.21 -1.51
C LYS A 125 -12.34 -10.92 -2.43
N SER A 126 -13.62 -10.76 -2.14
CA SER A 126 -14.63 -11.44 -2.92
C SER A 126 -14.70 -10.93 -4.37
N LEU A 127 -14.10 -9.78 -4.66
CA LEU A 127 -14.18 -9.25 -6.04
C LEU A 127 -12.99 -9.69 -6.88
N VAL A 128 -12.01 -10.36 -6.26
CA VAL A 128 -10.83 -10.83 -6.96
C VAL A 128 -10.69 -12.38 -6.88
N ASN A 129 -9.62 -12.94 -7.48
CA ASN A 129 -9.33 -14.38 -7.26
C ASN A 129 -8.76 -14.54 -5.83
N GLY A 130 -9.46 -15.30 -4.98
CA GLY A 130 -9.04 -15.54 -3.61
C GLY A 130 -7.61 -16.06 -3.46
N ALA A 131 -7.24 -17.05 -4.27
CA ALA A 131 -5.86 -17.56 -4.22
C ALA A 131 -4.83 -16.46 -4.56
N ASP A 132 -5.20 -15.59 -5.51
CA ASP A 132 -4.28 -14.53 -5.92
C ASP A 132 -4.14 -13.50 -4.85
N ALA A 133 -5.21 -13.28 -4.09
CA ALA A 133 -5.14 -12.30 -3.00
C ALA A 133 -4.28 -12.89 -1.88
N GLU A 134 -4.40 -14.20 -1.65
CA GLU A 134 -3.61 -14.86 -0.60
C GLU A 134 -2.14 -14.89 -0.97
N LYS A 135 -1.89 -15.14 -2.22
CA LYS A 135 -0.50 -15.15 -2.73
C LYS A 135 0.11 -13.71 -2.62
N ALA A 136 -0.69 -12.69 -2.96
CA ALA A 136 -0.27 -11.29 -2.75
C ALA A 136 0.12 -10.96 -1.30
N TYR A 137 -0.74 -11.40 -0.37
CA TYR A 137 -0.51 -11.15 1.04
C TYR A 137 0.70 -11.92 1.57
N GLU A 138 0.89 -13.17 1.14
CA GLU A 138 2.10 -13.88 1.63
C GLU A 138 3.33 -13.16 1.04
N GLY A 139 3.19 -12.65 -0.18
CA GLY A 139 4.24 -11.77 -0.75
C GLY A 139 4.57 -10.54 0.07
N PHE A 140 3.53 -9.83 0.51
CA PHE A 140 3.64 -8.69 1.38
C PHE A 140 4.39 -9.08 2.66
N LEU A 141 4.07 -10.23 3.25
CA LEU A 141 4.71 -10.62 4.53
C LEU A 141 6.22 -10.83 4.35
N ALA A 142 6.61 -11.40 3.23
CA ALA A 142 8.06 -11.56 2.90
C ALA A 142 8.73 -10.18 2.67
N PHE A 143 7.99 -9.25 2.02
CA PHE A 143 8.53 -7.95 1.67
C PHE A 143 8.70 -7.17 2.94
N LYS A 144 7.74 -7.27 3.86
CA LYS A 144 7.82 -6.39 5.02
C LYS A 144 8.99 -6.83 5.90
N ASP A 145 9.34 -8.11 5.80
CA ASP A 145 10.55 -8.56 6.54
C ASP A 145 11.86 -7.90 6.02
N VAL A 146 11.93 -7.59 4.72
CA VAL A 146 13.12 -6.92 4.18
C VAL A 146 13.09 -5.44 4.61
N VAL A 147 11.88 -4.86 4.53
CA VAL A 147 11.68 -3.48 4.91
C VAL A 147 12.12 -3.25 6.40
N LYS A 148 11.62 -4.10 7.30
CA LYS A 148 12.00 -4.05 8.71
C LYS A 148 13.51 -4.10 8.91
N LYS A 149 14.21 -4.85 8.07
CA LYS A 149 15.67 -4.99 8.22
C LYS A 149 16.43 -3.76 7.81
N SER A 150 15.81 -2.88 7.01
CA SER A 150 16.37 -1.59 6.65
C SER A 150 15.92 -0.48 7.63
N GLN A 151 15.04 -0.83 8.57
CA GLN A 151 14.36 0.16 9.42
C GLN A 151 15.10 0.42 10.72
#